data_3T9D
#
_entry.id   3T9D
#
_cell.length_a   89.204
_cell.length_b   110.461
_cell.length_c   41.482
_cell.angle_alpha   90.00
_cell.angle_beta   90.00
_cell.angle_gamma   90.00
#
_symmetry.space_group_name_H-M   'P 21 21 21'
#
loop_
_entity.id
_entity.type
_entity.pdbx_description
1 polymer 'Inositol Pyrophosphate Kinase'
2 non-polymer 'PHOSPHOAMINOPHOSPHONIC ACID-ADENYLATE ESTER'
3 non-polymer '(1r,2R,3S,4s,5R,6S)-2,3,4,5,6-pentakis(phosphonooxy)cyclohexyl trihydrogen diphosphate'
4 non-polymer 'MAGNESIUM ION'
5 water water
#
_entity_poly.entity_id   1
_entity_poly.type   'polypeptide(L)'
_entity_poly.pdbx_seq_one_letter_code
;GSFTERQIVVGICSMAKKSKSKPMKEILERISLFKYITVVVFEEEVILNEPVENWPLCDCLISFHSKGFPLDKAVAYAKL
RNPFVINDLNMQYLIQDRREVYSILQAEGILLPRYAILNRDPNNPKECNLIEGEDHVEVNGEVFQKPFVEKPVSAEDHNV
YIYYPTSAGGGSQRLFRKIGSRSSVYSPESNVRKTGSYIYEEFMPTDGTDVKVYTVGPDYAHAEARKSPALDGKVERDSE
GKEVRYPVILNAREKLIAWKVCLAFKQTVCGFDLLRANGQSYVCDVNGFSFVKNSMKYYDDCAKILGNIVMRELAPQFHI
PWSIPLEAED
;
_entity_poly.pdbx_strand_id   A
#
loop_
_chem_comp.id
_chem_comp.type
_chem_comp.name
_chem_comp.formula
ANP non-polymer 'PHOSPHOAMINOPHOSPHONIC ACID-ADENYLATE ESTER' 'C10 H17 N6 O12 P3'
I7P non-polymer '(1r,2R,3S,4s,5R,6S)-2,3,4,5,6-pentakis(phosphonooxy)cyclohexyl trihydrogen diphosphate' 'C6 H19 O27 P7'
MG non-polymer 'MAGNESIUM ION' 'Mg 2'
#
# COMPACT_ATOMS: atom_id res chain seq x y z
N ARG A 6 -19.27 29.31 -6.49
CA ARG A 6 -19.78 27.93 -6.23
C ARG A 6 -18.81 27.14 -5.33
N GLN A 7 -19.33 26.07 -4.73
CA GLN A 7 -18.54 25.13 -3.93
C GLN A 7 -17.48 24.39 -4.75
N ILE A 8 -16.35 24.09 -4.13
CA ILE A 8 -15.37 23.19 -4.74
C ILE A 8 -15.87 21.77 -4.46
N VAL A 9 -15.95 20.97 -5.51
CA VAL A 9 -16.48 19.61 -5.38
C VAL A 9 -15.32 18.60 -5.34
N VAL A 10 -15.28 17.81 -4.26
CA VAL A 10 -14.31 16.72 -4.16
C VAL A 10 -15.07 15.42 -4.47
N GLY A 11 -14.66 14.74 -5.53
CA GLY A 11 -15.29 13.50 -5.93
C GLY A 11 -14.52 12.32 -5.37
N ILE A 12 -15.24 11.33 -4.84
CA ILE A 12 -14.61 10.12 -4.31
C ILE A 12 -15.02 8.97 -5.21
N CYS A 13 -14.03 8.31 -5.82
CA CYS A 13 -14.29 7.29 -6.82
C CYS A 13 -13.54 6.00 -6.48
N SER A 14 -14.27 5.04 -5.89
CA SER A 14 -13.72 3.73 -5.58
C SER A 14 -14.82 2.71 -5.36
N MET A 15 -14.44 1.45 -5.16
CA MET A 15 -15.44 0.42 -4.86
C MET A 15 -16.15 0.72 -3.55
N ALA A 16 -17.42 0.32 -3.48
CA ALA A 16 -18.28 0.60 -2.33
C ALA A 16 -17.70 0.07 -1.01
N LYS A 17 -17.03 -1.08 -1.06
CA LYS A 17 -16.31 -1.66 0.08
C LYS A 17 -15.36 -0.65 0.73
N LYS A 18 -14.75 0.19 -0.11
CA LYS A 18 -13.84 1.22 0.36
C LYS A 18 -14.54 2.55 0.68
N SER A 19 -15.40 3.01 -0.24
N SER A 19 -15.39 3.02 -0.22
CA SER A 19 -16.10 4.29 -0.11
CA SER A 19 -16.03 4.33 -0.05
C SER A 19 -17.05 4.33 1.08
C SER A 19 -17.10 4.34 1.04
N LYS A 20 -17.55 3.16 1.48
CA LYS A 20 -18.50 3.03 2.60
C LYS A 20 -17.84 2.48 3.87
N SER A 21 -16.53 2.29 3.84
CA SER A 21 -15.79 1.83 5.02
C SER A 21 -15.86 2.86 6.14
N LYS A 22 -15.74 2.39 7.38
CA LYS A 22 -15.75 3.28 8.54
C LYS A 22 -14.73 4.44 8.44
N PRO A 23 -13.44 4.14 8.15
CA PRO A 23 -12.47 5.22 8.06
C PRO A 23 -12.83 6.24 6.98
N MET A 24 -13.29 5.76 5.82
CA MET A 24 -13.65 6.69 4.76
C MET A 24 -14.80 7.60 5.22
N LYS A 25 -15.81 7.01 5.85
CA LYS A 25 -16.96 7.81 6.28
C LYS A 25 -16.58 8.86 7.31
N GLU A 26 -15.69 8.48 8.24
CA GLU A 26 -15.20 9.41 9.26
C GLU A 26 -14.42 10.57 8.65
N ILE A 27 -13.58 10.26 7.67
CA ILE A 27 -12.77 11.30 7.03
C ILE A 27 -13.62 12.23 6.14
N LEU A 28 -14.55 11.65 5.38
CA LEU A 28 -15.42 12.46 4.53
C LEU A 28 -16.35 13.41 5.29
N GLU A 29 -16.87 12.98 6.44
CA GLU A 29 -17.69 13.91 7.26
C GLU A 29 -16.86 15.10 7.76
N ARG A 30 -15.57 14.87 7.99
CA ARG A 30 -14.67 15.94 8.44
C ARG A 30 -14.24 16.85 7.31
N ILE A 31 -13.98 16.29 6.12
CA ILE A 31 -13.69 17.13 4.96
C ILE A 31 -14.91 18.02 4.65
N SER A 32 -16.10 17.46 4.78
CA SER A 32 -17.34 18.22 4.55
C SER A 32 -17.49 19.45 5.44
N LEU A 33 -16.78 19.46 6.58
CA LEU A 33 -16.78 20.61 7.49
C LEU A 33 -16.11 21.85 6.90
N PHE A 34 -15.28 21.66 5.87
CA PHE A 34 -14.70 22.81 5.16
C PHE A 34 -15.83 23.59 4.50
N LYS A 35 -15.87 24.90 4.76
CA LYS A 35 -16.97 25.76 4.35
C LYS A 35 -17.22 25.72 2.84
N TYR A 36 -16.14 25.68 2.06
CA TYR A 36 -16.25 25.78 0.60
C TYR A 36 -16.09 24.46 -0.14
N ILE A 37 -16.06 23.36 0.60
CA ILE A 37 -15.94 22.03 -0.01
C ILE A 37 -17.22 21.22 0.11
N THR A 38 -17.67 20.65 -1.01
CA THR A 38 -18.74 19.66 -1.01
C THR A 38 -18.16 18.33 -1.49
N VAL A 39 -18.50 17.27 -0.80
CA VAL A 39 -18.04 15.92 -1.15
C VAL A 39 -19.13 15.19 -1.93
N VAL A 40 -18.74 14.54 -3.02
CA VAL A 40 -19.66 13.71 -3.79
C VAL A 40 -19.04 12.32 -3.91
N VAL A 41 -19.72 11.31 -3.40
CA VAL A 41 -19.21 9.94 -3.47
C VAL A 41 -19.86 9.24 -4.67
N PHE A 42 -19.05 8.78 -5.63
CA PHE A 42 -19.58 8.15 -6.84
C PHE A 42 -20.16 6.78 -6.46
N GLU A 43 -21.38 6.50 -6.90
CA GLU A 43 -22.02 5.21 -6.59
C GLU A 43 -21.30 4.08 -7.33
N GLU A 44 -21.16 2.91 -6.69
CA GLU A 44 -20.46 1.79 -7.34
C GLU A 44 -21.16 1.35 -8.65
N GLU A 45 -22.49 1.35 -8.65
CA GLU A 45 -23.25 0.96 -9.85
C GLU A 45 -22.96 1.91 -11.03
N VAL A 46 -22.76 3.20 -10.75
CA VAL A 46 -22.38 4.18 -11.78
C VAL A 46 -20.95 3.92 -12.28
N ILE A 47 -20.03 3.70 -11.34
CA ILE A 47 -18.63 3.43 -11.70
C ILE A 47 -18.52 2.20 -12.61
N LEU A 48 -19.22 1.13 -12.27
CA LEU A 48 -19.12 -0.12 -13.02
C LEU A 48 -19.94 -0.11 -14.30
N ASN A 49 -21.13 0.48 -14.25
CA ASN A 49 -22.12 0.36 -15.34
C ASN A 49 -22.34 1.57 -16.27
N GLU A 50 -22.04 2.78 -15.79
CA GLU A 50 -22.27 3.99 -16.61
C GLU A 50 -21.00 4.41 -17.33
N PRO A 51 -21.14 4.93 -18.56
CA PRO A 51 -19.97 5.50 -19.24
C PRO A 51 -19.47 6.73 -18.49
N VAL A 52 -18.17 7.01 -18.59
CA VAL A 52 -17.53 8.08 -17.82
C VAL A 52 -18.15 9.46 -18.09
N GLU A 53 -18.71 9.64 -19.28
CA GLU A 53 -19.38 10.89 -19.65
C GLU A 53 -20.62 11.19 -18.79
N ASN A 54 -21.15 10.15 -18.13
CA ASN A 54 -22.29 10.30 -17.22
C ASN A 54 -21.93 10.42 -15.73
N TRP A 55 -20.65 10.23 -15.40
CA TRP A 55 -20.20 10.29 -14.01
C TRP A 55 -20.31 11.72 -13.50
N PRO A 56 -20.52 11.90 -12.18
CA PRO A 56 -20.64 13.26 -11.64
C PRO A 56 -19.38 14.08 -11.91
N LEU A 57 -19.56 15.40 -12.00
CA LEU A 57 -18.43 16.31 -12.12
C LEU A 57 -17.77 16.52 -10.76
N CYS A 58 -16.46 16.77 -10.78
CA CYS A 58 -15.74 17.22 -9.60
C CYS A 58 -14.57 18.10 -10.02
N ASP A 59 -14.08 18.89 -9.08
CA ASP A 59 -12.91 19.73 -9.30
C ASP A 59 -11.64 19.06 -8.79
N CYS A 60 -11.81 18.20 -7.80
CA CYS A 60 -10.72 17.43 -7.23
C CYS A 60 -11.18 15.98 -7.13
N LEU A 61 -10.35 15.05 -7.59
CA LEU A 61 -10.73 13.65 -7.64
C LEU A 61 -9.86 12.81 -6.71
N ILE A 62 -10.49 12.06 -5.81
CA ILE A 62 -9.80 11.07 -4.99
C ILE A 62 -10.29 9.71 -5.47
N SER A 63 -9.42 8.99 -6.14
CA SER A 63 -9.84 7.76 -6.80
C SER A 63 -8.72 6.75 -6.63
N PHE A 64 -9.08 5.50 -6.36
CA PHE A 64 -8.05 4.49 -6.16
C PHE A 64 -8.56 3.09 -6.44
N HIS A 65 -7.64 2.28 -6.95
CA HIS A 65 -7.90 0.91 -7.33
C HIS A 65 -7.94 0.01 -6.10
N SER A 66 -8.91 -0.90 -6.12
CA SER A 66 -8.89 -2.10 -5.30
C SER A 66 -9.52 -3.23 -6.13
N LYS A 67 -9.58 -4.43 -5.56
CA LYS A 67 -10.14 -5.57 -6.29
C LYS A 67 -11.48 -5.26 -6.95
N GLY A 68 -11.54 -5.42 -8.28
CA GLY A 68 -12.79 -5.21 -9.01
C GLY A 68 -12.98 -3.82 -9.63
N PHE A 69 -12.10 -2.88 -9.29
CA PHE A 69 -12.22 -1.49 -9.76
C PHE A 69 -11.77 -1.30 -11.21
N PRO A 70 -12.59 -0.61 -12.03
CA PRO A 70 -12.19 -0.36 -13.41
C PRO A 70 -11.26 0.84 -13.58
N LEU A 71 -9.97 0.64 -13.32
CA LEU A 71 -8.98 1.71 -13.40
C LEU A 71 -8.94 2.38 -14.77
N ASP A 72 -9.20 1.60 -15.82
CA ASP A 72 -9.27 2.13 -17.20
CA ASP A 72 -9.25 2.16 -17.19
C ASP A 72 -10.30 3.27 -17.30
N LYS A 73 -11.45 3.07 -16.66
CA LYS A 73 -12.51 4.09 -16.67
C LYS A 73 -12.14 5.33 -15.85
N ALA A 74 -11.53 5.13 -14.68
CA ALA A 74 -11.10 6.24 -13.86
C ALA A 74 -10.10 7.13 -14.61
N VAL A 75 -9.15 6.49 -15.30
CA VAL A 75 -8.17 7.21 -16.11
C VAL A 75 -8.87 8.02 -17.22
N ALA A 76 -9.83 7.40 -17.89
CA ALA A 76 -10.58 8.06 -18.97
C ALA A 76 -11.41 9.23 -18.45
N TYR A 77 -12.05 9.04 -17.28
CA TYR A 77 -12.77 10.14 -16.63
C TYR A 77 -11.85 11.33 -16.33
N ALA A 78 -10.68 11.05 -15.75
CA ALA A 78 -9.73 12.11 -15.42
C ALA A 78 -9.21 12.81 -16.68
N LYS A 79 -9.00 12.06 -17.76
CA LYS A 79 -8.58 12.66 -19.03
C LYS A 79 -9.69 13.55 -19.59
N LEU A 80 -10.94 13.09 -19.48
CA LEU A 80 -12.12 13.84 -19.93
C LEU A 80 -12.36 15.15 -19.16
N ARG A 81 -12.30 15.09 -17.83
CA ARG A 81 -12.70 16.22 -16.99
C ARG A 81 -11.55 17.06 -16.45
N ASN A 82 -10.34 16.52 -16.53
CA ASN A 82 -9.12 17.16 -16.00
C ASN A 82 -9.26 17.74 -14.58
N PRO A 83 -9.70 16.91 -13.61
CA PRO A 83 -9.73 17.40 -12.24
C PRO A 83 -8.34 17.43 -11.63
N PHE A 84 -8.21 18.09 -10.48
CA PHE A 84 -6.99 17.99 -9.69
C PHE A 84 -7.00 16.59 -9.03
N VAL A 85 -5.97 15.79 -9.30
CA VAL A 85 -5.92 14.39 -8.88
C VAL A 85 -5.01 14.21 -7.66
N ILE A 86 -5.58 13.72 -6.56
CA ILE A 86 -4.88 13.53 -5.27
C ILE A 86 -3.91 12.34 -5.30
N ASN A 87 -4.39 11.21 -5.80
CA ASN A 87 -3.60 10.01 -6.02
C ASN A 87 -3.56 9.71 -7.51
N ASP A 88 -2.37 9.81 -8.11
CA ASP A 88 -2.20 9.64 -9.56
C ASP A 88 -2.72 8.27 -10.00
N LEU A 89 -3.55 8.26 -11.04
CA LEU A 89 -4.23 7.06 -11.47
C LEU A 89 -3.36 6.10 -12.28
N ASN A 90 -2.54 6.64 -13.18
CA ASN A 90 -1.66 5.76 -13.98
C ASN A 90 -0.62 5.02 -13.12
N MET A 91 -0.11 5.68 -12.08
N MET A 91 -0.13 5.68 -12.07
CA MET A 91 0.81 5.00 -11.15
CA MET A 91 0.79 5.02 -11.14
C MET A 91 0.15 3.78 -10.48
C MET A 91 0.15 3.80 -10.47
N GLN A 92 -1.18 3.78 -10.42
CA GLN A 92 -1.89 2.66 -9.77
C GLN A 92 -1.85 1.36 -10.57
N TYR A 93 -1.50 1.45 -11.86
CA TYR A 93 -1.18 0.23 -12.63
C TYR A 93 0.12 -0.38 -12.14
N LEU A 94 1.11 0.47 -11.90
CA LEU A 94 2.45 0.02 -11.48
C LEU A 94 2.47 -0.52 -10.06
N ILE A 95 1.63 0.05 -9.20
CA ILE A 95 1.51 -0.40 -7.81
C ILE A 95 0.96 -1.84 -7.73
N GLN A 96 0.28 -2.30 -8.78
CA GLN A 96 -0.22 -3.68 -8.83
C GLN A 96 0.85 -4.73 -9.15
N ASP A 97 2.06 -4.27 -9.48
CA ASP A 97 3.15 -5.14 -9.93
C ASP A 97 4.34 -4.93 -9.01
N ARG A 98 4.63 -5.94 -8.19
CA ARG A 98 5.73 -5.84 -7.23
CA ARG A 98 5.73 -5.84 -7.22
C ARG A 98 7.07 -5.53 -7.88
N ARG A 99 7.26 -6.01 -9.10
CA ARG A 99 8.50 -5.72 -9.85
C ARG A 99 8.65 -4.23 -10.09
N GLU A 100 7.55 -3.58 -10.46
CA GLU A 100 7.56 -2.15 -10.76
C GLU A 100 7.76 -1.33 -9.50
N VAL A 101 7.18 -1.80 -8.40
CA VAL A 101 7.34 -1.14 -7.09
C VAL A 101 8.80 -1.12 -6.67
N TYR A 102 9.45 -2.29 -6.66
CA TYR A 102 10.85 -2.36 -6.24
C TYR A 102 11.76 -1.56 -7.17
N SER A 103 11.44 -1.55 -8.46
CA SER A 103 12.15 -0.75 -9.46
C SER A 103 12.14 0.76 -9.12
N ILE A 104 10.96 1.28 -8.79
CA ILE A 104 10.84 2.69 -8.38
C ILE A 104 11.60 2.98 -7.07
N LEU A 105 11.49 2.08 -6.09
CA LEU A 105 12.18 2.28 -4.81
C LEU A 105 13.71 2.37 -4.99
N GLN A 106 14.25 1.50 -5.84
CA GLN A 106 15.68 1.51 -6.12
CA GLN A 106 15.69 1.51 -6.11
C GLN A 106 16.10 2.82 -6.75
N ALA A 107 15.33 3.29 -7.73
CA ALA A 107 15.61 4.56 -8.42
C ALA A 107 15.63 5.75 -7.45
N GLU A 108 14.89 5.64 -6.34
CA GLU A 108 14.84 6.69 -5.32
C GLU A 108 15.88 6.58 -4.22
N GLY A 109 16.78 5.60 -4.32
CA GLY A 109 17.80 5.39 -3.29
C GLY A 109 17.22 4.94 -1.96
N ILE A 110 16.09 4.24 -2.02
CA ILE A 110 15.42 3.70 -0.81
C ILE A 110 15.94 2.30 -0.53
N LEU A 111 16.35 2.06 0.72
CA LEU A 111 16.84 0.75 1.14
C LEU A 111 15.71 -0.27 1.06
N LEU A 112 16.01 -1.39 0.41
CA LEU A 112 15.04 -2.50 0.32
C LEU A 112 15.80 -3.82 0.44
N PRO A 113 15.07 -4.93 0.72
CA PRO A 113 15.82 -6.20 0.77
C PRO A 113 16.52 -6.50 -0.57
N ARG A 114 17.67 -7.15 -0.50
CA ARG A 114 18.28 -7.71 -1.72
C ARG A 114 17.28 -8.67 -2.35
N TYR A 115 17.09 -8.57 -3.67
CA TYR A 115 16.06 -9.36 -4.34
C TYR A 115 16.43 -9.75 -5.75
N ALA A 116 15.73 -10.74 -6.29
CA ALA A 116 15.85 -11.13 -7.70
C ALA A 116 14.51 -11.58 -8.24
N ILE A 117 14.25 -11.28 -9.50
CA ILE A 117 12.97 -11.60 -10.12
C ILE A 117 13.11 -12.88 -10.95
N LEU A 118 12.23 -13.84 -10.69
CA LEU A 118 12.09 -15.02 -11.52
C LEU A 118 10.84 -14.91 -12.38
N ASN A 119 11.03 -14.57 -13.66
CA ASN A 119 9.92 -14.52 -14.61
C ASN A 119 9.77 -15.87 -15.32
N ARG A 120 8.58 -16.45 -15.24
CA ARG A 120 8.29 -17.73 -15.88
C ARG A 120 7.36 -17.60 -17.07
N ASP A 121 7.69 -18.31 -18.14
CA ASP A 121 6.78 -18.45 -19.27
C ASP A 121 5.88 -19.65 -18.98
N PRO A 122 4.55 -19.42 -18.84
CA PRO A 122 3.61 -20.46 -18.42
C PRO A 122 3.57 -21.69 -19.34
N ASN A 123 4.15 -21.55 -20.54
CA ASN A 123 4.26 -22.66 -21.49
C ASN A 123 5.56 -23.45 -21.32
N ASN A 124 6.62 -22.74 -20.92
CA ASN A 124 7.94 -23.35 -20.72
C ASN A 124 8.38 -23.16 -19.26
N PRO A 125 7.71 -23.85 -18.31
CA PRO A 125 7.86 -23.52 -16.88
C PRO A 125 9.20 -23.93 -16.25
N LYS A 126 9.92 -24.85 -16.89
CA LYS A 126 11.20 -25.35 -16.35
C LYS A 126 12.42 -24.75 -17.06
N GLU A 127 12.18 -23.94 -18.09
CA GLU A 127 13.25 -23.27 -18.84
C GLU A 127 13.75 -22.00 -18.13
N CYS A 128 13.17 -21.69 -16.97
CA CYS A 128 13.49 -20.46 -16.26
C CYS A 128 14.83 -20.56 -15.49
N ASN A 129 15.27 -19.43 -14.96
CA ASN A 129 16.59 -19.31 -14.37
C ASN A 129 16.34 -19.52 -12.89
N LEU A 130 16.15 -20.78 -12.49
CA LEU A 130 16.08 -21.14 -11.07
C LEU A 130 16.79 -22.47 -10.82
N ILE A 131 17.68 -22.47 -9.83
CA ILE A 131 18.35 -23.68 -9.35
C ILE A 131 18.09 -23.78 -7.85
N GLU A 132 17.59 -24.93 -7.42
CA GLU A 132 17.24 -25.12 -6.04
C GLU A 132 18.13 -26.12 -5.33
N GLY A 133 18.63 -25.75 -4.16
CA GLY A 133 19.27 -26.67 -3.22
C GLY A 133 18.34 -26.80 -2.02
N GLU A 134 18.75 -27.60 -1.03
CA GLU A 134 17.93 -27.76 0.18
C GLU A 134 17.97 -26.55 1.13
N ASP A 135 19.08 -25.80 1.10
CA ASP A 135 19.19 -24.60 1.95
C ASP A 135 19.39 -23.29 1.20
N HIS A 136 19.14 -23.30 -0.10
CA HIS A 136 19.26 -22.07 -0.89
C HIS A 136 18.61 -22.19 -2.26
N VAL A 137 18.32 -21.04 -2.86
CA VAL A 137 17.97 -20.98 -4.28
C VAL A 137 18.95 -20.06 -5.00
N GLU A 138 19.09 -20.29 -6.31
N GLU A 138 19.05 -20.27 -6.31
CA GLU A 138 19.86 -19.43 -7.19
CA GLU A 138 19.85 -19.44 -7.18
C GLU A 138 18.92 -18.93 -8.26
C GLU A 138 18.92 -18.94 -8.28
N VAL A 139 18.73 -17.62 -8.31
CA VAL A 139 17.77 -16.99 -9.21
C VAL A 139 18.56 -16.06 -10.11
N ASN A 140 18.55 -16.33 -11.41
CA ASN A 140 19.41 -15.61 -12.37
C ASN A 140 20.87 -15.57 -11.90
N GLY A 141 21.31 -16.65 -11.25
CA GLY A 141 22.71 -16.76 -10.78
C GLY A 141 22.95 -16.22 -9.38
N GLU A 142 21.99 -15.44 -8.88
CA GLU A 142 22.10 -14.83 -7.56
C GLU A 142 21.64 -15.80 -6.47
N VAL A 143 22.47 -15.97 -5.44
CA VAL A 143 22.22 -16.94 -4.36
C VAL A 143 21.46 -16.31 -3.20
N PHE A 144 20.38 -16.97 -2.78
CA PHE A 144 19.64 -16.61 -1.57
C PHE A 144 19.67 -17.82 -0.64
N GLN A 145 20.41 -17.67 0.46
CA GLN A 145 20.42 -18.68 1.50
C GLN A 145 19.12 -18.58 2.29
N LYS A 146 18.62 -19.71 2.78
CA LYS A 146 17.47 -19.69 3.69
C LYS A 146 17.88 -19.13 5.04
N PRO A 147 17.02 -18.30 5.68
CA PRO A 147 15.65 -17.95 5.25
C PRO A 147 15.60 -16.93 4.09
N PHE A 148 14.67 -17.16 3.17
CA PHE A 148 14.35 -16.18 2.13
C PHE A 148 12.82 -16.11 1.92
N VAL A 149 12.40 -15.06 1.21
CA VAL A 149 10.97 -14.76 1.03
C VAL A 149 10.64 -14.87 -0.45
N GLU A 150 9.49 -15.46 -0.75
CA GLU A 150 9.01 -15.67 -2.12
C GLU A 150 7.64 -14.99 -2.29
N LYS A 151 7.62 -13.95 -3.13
CA LYS A 151 6.41 -13.15 -3.34
C LYS A 151 5.90 -13.27 -4.77
N PRO A 152 4.60 -13.51 -4.96
CA PRO A 152 3.97 -13.46 -6.29
C PRO A 152 4.24 -12.10 -6.92
N VAL A 153 4.54 -12.05 -8.23
CA VAL A 153 4.81 -10.75 -8.85
C VAL A 153 3.59 -9.82 -8.81
N SER A 154 2.39 -10.38 -8.75
CA SER A 154 1.20 -9.55 -8.55
C SER A 154 1.09 -9.10 -7.07
N ALA A 155 1.07 -7.79 -6.87
CA ALA A 155 0.95 -7.20 -5.53
C ALA A 155 -0.42 -7.51 -4.89
N GLU A 156 -1.39 -7.89 -5.71
CA GLU A 156 -2.72 -8.21 -5.21
C GLU A 156 -2.84 -9.68 -4.77
N ASP A 157 -1.80 -10.47 -5.02
CA ASP A 157 -1.75 -11.87 -4.58
C ASP A 157 -0.94 -11.91 -3.28
N HIS A 158 -1.63 -12.18 -2.17
CA HIS A 158 -1.03 -12.08 -0.83
C HIS A 158 -0.46 -13.41 -0.30
N ASN A 159 -0.28 -14.36 -1.20
CA ASN A 159 0.28 -15.67 -0.87
C ASN A 159 1.81 -15.61 -0.88
N VAL A 160 2.35 -14.95 0.15
CA VAL A 160 3.80 -14.79 0.33
C VAL A 160 4.29 -15.97 1.16
N TYR A 161 5.37 -16.61 0.74
CA TYR A 161 5.95 -17.73 1.48
C TYR A 161 7.35 -17.39 1.98
N ILE A 162 7.65 -17.91 3.17
CA ILE A 162 8.98 -17.79 3.76
C ILE A 162 9.53 -19.21 3.93
N TYR A 163 10.79 -19.41 3.53
CA TYR A 163 11.39 -20.74 3.57
C TYR A 163 12.47 -20.80 4.65
N TYR A 164 12.34 -21.77 5.56
CA TYR A 164 13.24 -21.90 6.70
C TYR A 164 14.45 -22.77 6.39
N PRO A 165 15.60 -22.42 6.98
CA PRO A 165 16.80 -23.25 6.80
C PRO A 165 16.69 -24.56 7.56
N THR A 166 17.43 -25.57 7.12
CA THR A 166 17.50 -26.87 7.79
C THR A 166 17.83 -26.73 9.27
N SER A 167 18.71 -25.79 9.60
CA SER A 167 19.13 -25.55 10.98
C SER A 167 17.97 -25.15 11.90
N ALA A 168 16.87 -24.73 11.28
CA ALA A 168 15.67 -24.29 12.01
C ALA A 168 14.49 -25.26 11.86
N GLY A 169 14.73 -26.40 11.22
CA GLY A 169 13.68 -27.40 11.04
C GLY A 169 13.08 -27.44 9.64
N GLY A 170 13.55 -26.58 8.75
CA GLY A 170 13.09 -26.56 7.37
C GLY A 170 11.61 -26.22 7.25
N GLY A 171 11.01 -26.59 6.13
CA GLY A 171 9.63 -26.25 5.84
C GLY A 171 9.47 -24.79 5.43
N SER A 172 8.27 -24.26 5.59
CA SER A 172 7.94 -22.95 5.07
C SER A 172 6.76 -22.35 5.82
N GLN A 173 6.67 -21.02 5.83
CA GLN A 173 5.53 -20.35 6.40
C GLN A 173 4.74 -19.77 5.23
N ARG A 174 3.45 -20.09 5.16
CA ARG A 174 2.60 -19.62 4.07
C ARG A 174 1.68 -18.51 4.57
N LEU A 175 1.88 -17.30 4.08
CA LEU A 175 1.10 -16.13 4.49
C LEU A 175 -0.10 -15.93 3.58
N PHE A 176 -1.15 -15.28 4.09
CA PHE A 176 -2.36 -15.03 3.30
C PHE A 176 -3.18 -13.89 3.92
N ARG A 177 -4.09 -13.31 3.14
CA ARG A 177 -5.07 -12.36 3.69
C ARG A 177 -5.73 -12.99 4.90
N LYS A 178 -5.79 -12.25 6.01
CA LYS A 178 -6.33 -12.78 7.27
C LYS A 178 -7.66 -13.48 7.07
N ILE A 179 -7.78 -14.67 7.66
CA ILE A 179 -9.03 -15.40 7.73
C ILE A 179 -9.25 -15.58 9.22
N GLY A 180 -10.15 -14.77 9.78
CA GLY A 180 -10.45 -14.80 11.22
C GLY A 180 -9.23 -14.60 12.09
N SER A 181 -8.83 -15.66 12.77
CA SER A 181 -7.75 -15.57 13.76
C SER A 181 -6.34 -15.90 13.23
N ARG A 182 -6.21 -16.15 11.93
N ARG A 182 -6.22 -16.19 11.94
CA ARG A 182 -4.91 -16.56 11.37
CA ARG A 182 -4.93 -16.61 11.34
C ARG A 182 -4.47 -15.77 10.15
C ARG A 182 -4.48 -15.72 10.18
N SER A 183 -3.17 -15.49 10.10
CA SER A 183 -2.57 -14.73 8.99
C SER A 183 -1.51 -15.56 8.25
N SER A 184 -1.14 -16.70 8.83
CA SER A 184 -0.22 -17.63 8.16
C SER A 184 -0.30 -19.03 8.77
N VAL A 185 0.29 -19.99 8.08
N VAL A 185 0.32 -20.00 8.10
CA VAL A 185 0.38 -21.35 8.58
CA VAL A 185 0.33 -21.39 8.54
C VAL A 185 1.71 -21.97 8.15
C VAL A 185 1.58 -22.13 8.07
N TYR A 186 2.23 -22.86 9.00
CA TYR A 186 3.42 -23.64 8.70
C TYR A 186 3.11 -24.79 7.74
N SER A 187 4.00 -24.99 6.77
CA SER A 187 3.94 -26.15 5.88
C SER A 187 5.27 -26.90 5.97
N PRO A 188 5.22 -28.25 6.01
CA PRO A 188 6.45 -29.05 5.94
C PRO A 188 7.16 -28.95 4.58
N GLU A 189 6.49 -28.39 3.57
CA GLU A 189 7.10 -28.24 2.24
C GLU A 189 8.33 -27.33 2.28
N SER A 190 9.45 -27.85 1.79
CA SER A 190 10.72 -27.13 1.79
C SER A 190 11.09 -26.61 0.40
N ASN A 191 10.47 -27.15 -0.64
CA ASN A 191 10.76 -26.74 -2.00
C ASN A 191 9.89 -25.56 -2.45
N VAL A 192 10.46 -24.66 -3.26
CA VAL A 192 9.74 -23.48 -3.75
C VAL A 192 8.63 -23.83 -4.72
N ARG A 193 7.73 -22.87 -4.96
CA ARG A 193 6.64 -23.08 -5.89
C ARG A 193 7.17 -23.25 -7.32
N LYS A 194 6.56 -24.16 -8.06
CA LYS A 194 7.09 -24.53 -9.38
C LYS A 194 6.38 -23.91 -10.57
N THR A 195 5.22 -23.29 -10.33
CA THR A 195 4.55 -22.51 -11.36
C THR A 195 4.29 -21.09 -10.89
N GLY A 196 4.31 -20.15 -11.83
CA GLY A 196 4.11 -18.73 -11.54
C GLY A 196 5.42 -17.97 -11.52
N SER A 197 5.32 -16.64 -11.52
CA SER A 197 6.50 -15.76 -11.43
C SER A 197 6.56 -15.14 -10.03
N TYR A 198 7.79 -14.99 -9.51
CA TYR A 198 8.02 -14.59 -8.12
C TYR A 198 9.20 -13.66 -7.97
N ILE A 199 9.16 -12.88 -6.91
CA ILE A 199 10.34 -12.15 -6.47
C ILE A 199 10.88 -12.95 -5.30
N TYR A 200 12.19 -13.21 -5.31
CA TYR A 200 12.87 -13.85 -4.18
C TYR A 200 13.66 -12.76 -3.49
N GLU A 201 13.58 -12.71 -2.18
CA GLU A 201 14.33 -11.70 -1.44
C GLU A 201 14.86 -12.18 -0.10
N GLU A 202 15.93 -11.54 0.35
CA GLU A 202 16.55 -11.83 1.64
CA GLU A 202 16.54 -11.86 1.64
C GLU A 202 15.55 -11.58 2.77
N PHE A 203 15.54 -12.47 3.76
CA PHE A 203 14.70 -12.30 4.93
C PHE A 203 15.40 -11.33 5.88
N MET A 204 14.70 -10.27 6.26
CA MET A 204 15.26 -9.25 7.15
C MET A 204 14.86 -9.55 8.58
N PRO A 205 15.82 -9.78 9.48
CA PRO A 205 15.49 -10.09 10.88
C PRO A 205 14.97 -8.85 11.62
N THR A 206 13.75 -8.89 12.13
CA THR A 206 13.20 -7.77 12.90
C THR A 206 12.96 -8.29 14.33
N ASP A 207 12.45 -7.44 15.22
CA ASP A 207 12.03 -7.89 16.56
C ASP A 207 10.73 -8.71 16.56
N GLY A 208 10.25 -9.04 15.37
CA GLY A 208 8.99 -9.78 15.23
C GLY A 208 7.77 -8.91 14.96
N THR A 209 7.99 -7.64 14.67
CA THR A 209 6.91 -6.75 14.24
C THR A 209 7.22 -6.14 12.87
N ASP A 210 6.16 -5.72 12.16
CA ASP A 210 6.23 -4.92 10.95
C ASP A 210 5.79 -3.51 11.33
N VAL A 211 6.37 -2.50 10.68
CA VAL A 211 5.88 -1.13 10.86
C VAL A 211 5.04 -0.75 9.63
N LYS A 212 3.80 -0.35 9.86
CA LYS A 212 2.92 0.12 8.78
C LYS A 212 2.93 1.64 8.84
N VAL A 213 3.17 2.26 7.69
CA VAL A 213 3.24 3.71 7.58
C VAL A 213 2.12 4.22 6.67
N TYR A 214 1.48 5.32 7.08
CA TYR A 214 0.35 5.86 6.35
C TYR A 214 0.62 7.34 6.12
N THR A 215 0.82 7.73 4.88
CA THR A 215 1.14 9.13 4.57
C THR A 215 -0.13 9.92 4.23
N VAL A 216 -0.13 11.21 4.52
CA VAL A 216 -1.12 12.13 3.96
C VAL A 216 -0.33 13.32 3.45
N GLY A 217 0.05 13.23 2.18
CA GLY A 217 1.04 14.15 1.62
C GLY A 217 2.43 13.82 2.13
N PRO A 218 3.45 14.49 1.57
CA PRO A 218 4.83 14.06 1.88
C PRO A 218 5.34 14.44 3.29
N ASP A 219 4.65 15.34 3.97
CA ASP A 219 5.13 15.85 5.26
C ASP A 219 4.36 15.35 6.48
N TYR A 220 3.48 14.37 6.27
CA TYR A 220 2.75 13.77 7.38
C TYR A 220 2.74 12.26 7.22
N ALA A 221 3.13 11.55 8.27
CA ALA A 221 3.07 10.10 8.24
C ALA A 221 2.73 9.61 9.63
N HIS A 222 1.70 8.76 9.73
CA HIS A 222 1.40 8.03 10.94
C HIS A 222 1.95 6.62 10.79
N ALA A 223 2.58 6.12 11.84
CA ALA A 223 3.10 4.77 11.82
C ALA A 223 2.57 3.98 13.00
N GLU A 224 2.45 2.67 12.82
CA GLU A 224 2.11 1.76 13.91
C GLU A 224 2.70 0.41 13.61
N ALA A 225 2.84 -0.42 14.63
CA ALA A 225 3.48 -1.71 14.44
C ALA A 225 2.49 -2.83 14.72
N ARG A 226 2.71 -3.97 14.08
CA ARG A 226 1.86 -5.13 14.30
C ARG A 226 2.75 -6.36 14.30
N LYS A 227 2.31 -7.40 14.99
CA LYS A 227 3.04 -8.67 15.02
C LYS A 227 3.18 -9.18 13.60
N SER A 228 4.38 -9.61 13.21
CA SER A 228 4.60 -10.10 11.85
C SER A 228 3.80 -11.38 11.63
N PRO A 229 3.09 -11.48 10.47
CA PRO A 229 2.36 -12.72 10.16
C PRO A 229 3.29 -13.91 9.97
N ALA A 230 4.55 -13.64 9.70
CA ALA A 230 5.58 -14.65 9.53
C ALA A 230 5.93 -15.41 10.83
N LEU A 231 5.54 -14.86 11.98
CA LEU A 231 6.01 -15.33 13.30
C LEU A 231 5.42 -16.69 13.68
N ASP A 232 4.10 -16.77 13.85
CA ASP A 232 3.40 -18.07 13.97
C ASP A 232 2.07 -18.08 13.21
N GLY A 233 1.54 -16.88 12.97
CA GLY A 233 0.34 -16.75 12.16
C GLY A 233 -0.92 -16.56 12.98
N LYS A 234 -0.83 -16.61 14.31
CA LYS A 234 -1.99 -16.29 15.14
C LYS A 234 -2.15 -14.77 15.26
N VAL A 235 -3.32 -14.25 14.88
CA VAL A 235 -3.59 -12.82 14.99
C VAL A 235 -3.90 -12.44 16.46
N GLU A 236 -3.23 -11.39 16.95
CA GLU A 236 -3.51 -10.84 18.27
C GLU A 236 -4.68 -9.89 18.14
N ARG A 237 -5.76 -10.17 18.83
CA ARG A 237 -6.94 -9.32 18.75
C ARG A 237 -7.28 -8.74 20.11
N ASP A 238 -7.82 -7.54 20.15
CA ASP A 238 -8.18 -6.94 21.43
C ASP A 238 -9.51 -7.40 21.95
N SER A 239 -9.84 -7.05 23.17
CA SER A 239 -11.11 -7.51 23.69
C SER A 239 -12.17 -6.99 22.73
N GLU A 240 -11.89 -5.94 22.01
CA GLU A 240 -12.91 -5.43 21.10
C GLU A 240 -12.93 -6.01 19.70
N GLY A 241 -12.01 -6.94 19.39
CA GLY A 241 -11.97 -7.63 18.10
C GLY A 241 -11.10 -7.09 16.97
N LYS A 242 -10.45 -5.97 17.26
CA LYS A 242 -9.50 -5.31 16.36
C LYS A 242 -8.07 -5.83 16.56
N GLU A 243 -7.31 -5.96 15.47
CA GLU A 243 -5.92 -6.40 15.58
C GLU A 243 -5.14 -5.46 16.50
N VAL A 244 -4.35 -6.03 17.40
CA VAL A 244 -3.50 -5.25 18.31
C VAL A 244 -2.46 -4.49 17.48
N ARG A 245 -2.32 -3.20 17.78
CA ARG A 245 -1.33 -2.35 17.13
C ARG A 245 -0.43 -1.73 18.20
N TYR A 246 0.86 -1.56 17.87
CA TYR A 246 1.83 -1.02 18.83
C TYR A 246 2.27 0.36 18.38
N PRO A 247 2.58 1.25 19.35
CA PRO A 247 2.98 2.62 19.04
C PRO A 247 4.33 2.68 18.34
N VAL A 248 4.45 3.60 17.39
CA VAL A 248 5.68 3.82 16.66
C VAL A 248 5.82 5.32 16.42
N ILE A 249 7.03 5.83 16.60
CA ILE A 249 7.40 7.17 16.16
C ILE A 249 8.54 7.00 15.16
N LEU A 250 8.36 7.54 13.97
CA LEU A 250 9.37 7.42 12.91
C LEU A 250 10.57 8.29 13.25
N ASN A 251 11.78 7.77 13.00
CA ASN A 251 13.00 8.57 13.12
C ASN A 251 13.20 9.43 11.87
N ALA A 252 14.27 10.24 11.87
CA ALA A 252 14.49 11.17 10.75
C ALA A 252 14.65 10.45 9.40
N ARG A 253 15.38 9.33 9.39
CA ARG A 253 15.57 8.55 8.18
C ARG A 253 14.22 8.05 7.65
N GLU A 254 13.35 7.62 8.56
CA GLU A 254 12.06 7.03 8.16
C GLU A 254 11.09 8.09 7.67
N LYS A 255 11.14 9.26 8.28
CA LYS A 255 10.31 10.38 7.82
C LYS A 255 10.70 10.75 6.39
N LEU A 256 12.00 10.67 6.08
CA LEU A 256 12.47 10.92 4.72
C LEU A 256 11.98 9.83 3.76
N ILE A 257 12.01 8.58 4.22
CA ILE A 257 11.48 7.48 3.39
C ILE A 257 10.02 7.76 3.00
N ALA A 258 9.21 8.20 3.97
CA ALA A 258 7.79 8.47 3.71
C ALA A 258 7.62 9.59 2.68
N TRP A 259 8.42 10.64 2.82
CA TRP A 259 8.44 11.77 1.88
C TRP A 259 8.74 11.25 0.46
N LYS A 260 9.79 10.43 0.34
CA LYS A 260 10.19 9.88 -0.96
C LYS A 260 9.13 8.97 -1.57
N VAL A 261 8.54 8.11 -0.76
CA VAL A 261 7.52 7.15 -1.26
C VAL A 261 6.31 7.92 -1.77
N CYS A 262 5.80 8.84 -0.96
CA CYS A 262 4.63 9.61 -1.35
C CYS A 262 4.86 10.32 -2.69
N LEU A 263 6.01 10.96 -2.84
CA LEU A 263 6.32 11.69 -4.07
C LEU A 263 6.64 10.80 -5.27
N ALA A 264 7.40 9.73 -5.05
CA ALA A 264 7.81 8.87 -6.16
C ALA A 264 6.63 8.13 -6.78
N PHE A 265 5.67 7.72 -5.96
CA PHE A 265 4.50 7.01 -6.48
C PHE A 265 3.33 7.96 -6.79
N LYS A 266 3.52 9.24 -6.46
CA LYS A 266 2.51 10.28 -6.68
C LYS A 266 1.17 9.94 -6.03
N GLN A 267 1.25 9.33 -4.86
CA GLN A 267 0.07 8.95 -4.07
C GLN A 267 0.07 9.78 -2.78
N THR A 268 -0.73 10.83 -2.75
CA THR A 268 -0.87 11.67 -1.57
C THR A 268 -1.19 10.83 -0.32
N VAL A 269 -2.22 9.98 -0.43
CA VAL A 269 -2.58 9.04 0.63
C VAL A 269 -1.95 7.70 0.25
N CYS A 270 -0.96 7.25 1.03
CA CYS A 270 -0.16 6.07 0.65
C CYS A 270 0.25 5.25 1.85
N GLY A 271 -0.02 3.95 1.79
CA GLY A 271 0.41 3.05 2.84
C GLY A 271 1.63 2.29 2.35
N PHE A 272 2.60 2.10 3.23
CA PHE A 272 3.74 1.22 2.93
C PHE A 272 4.26 0.58 4.22
N ASP A 273 5.06 -0.48 4.07
CA ASP A 273 5.53 -1.29 5.19
C ASP A 273 7.04 -1.12 5.34
N LEU A 274 7.51 -1.02 6.58
CA LEU A 274 8.94 -0.97 6.90
C LEU A 274 9.36 -2.15 7.77
N LEU A 275 10.56 -2.66 7.50
CA LEU A 275 11.19 -3.67 8.34
C LEU A 275 12.35 -3.02 9.02
N ARG A 276 12.28 -2.92 10.35
CA ARG A 276 13.37 -2.38 11.17
C ARG A 276 14.35 -3.50 11.49
N ALA A 277 15.49 -3.48 10.82
CA ALA A 277 16.43 -4.60 10.84
C ALA A 277 17.86 -4.09 10.71
N ASN A 278 18.77 -4.68 11.49
CA ASN A 278 20.20 -4.35 11.40
C ASN A 278 20.51 -2.85 11.51
N GLY A 279 19.79 -2.15 12.38
CA GLY A 279 19.96 -0.71 12.59
C GLY A 279 19.50 0.22 11.47
N GLN A 280 18.77 -0.33 10.50
CA GLN A 280 18.21 0.47 9.39
C GLN A 280 16.74 0.12 9.19
N SER A 281 16.09 0.79 8.25
CA SER A 281 14.68 0.52 7.94
C SER A 281 14.52 0.26 6.45
N TYR A 282 13.97 -0.90 6.12
CA TYR A 282 13.81 -1.37 4.74
C TYR A 282 12.36 -1.37 4.33
N VAL A 283 12.06 -0.84 3.15
CA VAL A 283 10.69 -0.89 2.63
C VAL A 283 10.48 -2.26 2.00
N CYS A 284 9.42 -2.97 2.38
CA CYS A 284 9.13 -4.25 1.74
C CYS A 284 7.85 -4.31 0.91
N ASP A 285 7.04 -3.26 0.96
CA ASP A 285 5.73 -3.27 0.30
C ASP A 285 5.24 -1.83 0.22
N VAL A 286 4.71 -1.44 -0.94
CA VAL A 286 4.01 -0.15 -1.09
C VAL A 286 2.61 -0.46 -1.58
N ASN A 287 1.58 -0.03 -0.84
CA ASN A 287 0.20 -0.39 -1.15
C ASN A 287 -0.66 0.69 -1.80
N GLY A 288 -0.21 1.93 -1.75
CA GLY A 288 -1.01 3.04 -2.26
C GLY A 288 -2.10 3.37 -1.25
N PHE A 289 -3.24 3.82 -1.76
CA PHE A 289 -4.30 4.40 -0.91
C PHE A 289 -4.71 3.51 0.23
N SER A 290 -4.56 4.03 1.44
CA SER A 290 -4.84 3.30 2.65
C SER A 290 -5.02 4.28 3.81
N PHE A 291 -6.09 4.11 4.58
CA PHE A 291 -6.36 4.92 5.77
C PHE A 291 -6.03 4.13 7.04
N VAL A 292 -5.55 4.85 8.06
CA VAL A 292 -5.44 4.27 9.40
C VAL A 292 -6.85 3.94 9.93
N LYS A 293 -6.98 2.79 10.59
CA LYS A 293 -8.25 2.39 11.20
C LYS A 293 -8.23 2.63 12.72
N ASN A 294 -9.33 3.14 13.26
CA ASN A 294 -9.51 3.26 14.72
C ASN A 294 -8.56 4.24 15.44
N SER A 295 -8.19 5.32 14.74
CA SER A 295 -7.51 6.43 15.37
C SER A 295 -8.30 7.69 15.04
N MET A 296 -8.94 8.28 16.05
N MET A 296 -8.94 8.28 16.06
CA MET A 296 -9.70 9.52 15.88
CA MET A 296 -9.70 9.52 15.87
C MET A 296 -8.81 10.70 15.50
C MET A 296 -8.82 10.71 15.53
N LYS A 297 -7.60 10.74 16.05
CA LYS A 297 -6.64 11.79 15.75
C LYS A 297 -6.21 11.76 14.28
N TYR A 298 -6.01 10.55 13.75
CA TYR A 298 -5.72 10.41 12.33
C TYR A 298 -6.88 10.93 11.48
N TYR A 299 -8.11 10.54 11.83
CA TYR A 299 -9.28 11.04 11.07
C TYR A 299 -9.25 12.58 10.97
N ASP A 300 -9.03 13.24 12.11
CA ASP A 300 -8.94 14.69 12.18
C ASP A 300 -7.84 15.27 11.33
N ASP A 301 -6.63 14.71 11.50
CA ASP A 301 -5.44 15.20 10.78
C ASP A 301 -5.55 14.95 9.28
N CYS A 302 -5.98 13.75 8.90
CA CYS A 302 -6.10 13.39 7.50
C CYS A 302 -7.09 14.31 6.81
N ALA A 303 -8.27 14.49 7.40
CA ALA A 303 -9.27 15.37 6.81
C ALA A 303 -8.76 16.83 6.69
N LYS A 304 -8.10 17.34 7.72
CA LYS A 304 -7.56 18.70 7.68
CA LYS A 304 -7.58 18.71 7.67
C LYS A 304 -6.53 18.87 6.58
N ILE A 305 -5.59 17.92 6.49
CA ILE A 305 -4.53 17.99 5.50
C ILE A 305 -5.09 17.95 4.08
N LEU A 306 -6.01 17.01 3.84
CA LEU A 306 -6.61 16.86 2.51
C LEU A 306 -7.42 18.09 2.11
N GLY A 307 -8.25 18.56 3.04
CA GLY A 307 -8.99 19.81 2.85
C GLY A 307 -8.08 20.98 2.51
N ASN A 308 -6.98 21.09 3.25
CA ASN A 308 -5.99 22.15 3.02
C ASN A 308 -5.29 22.07 1.65
N ILE A 309 -4.99 20.85 1.21
CA ILE A 309 -4.41 20.60 -0.11
C ILE A 309 -5.37 21.08 -1.20
N VAL A 310 -6.65 20.70 -1.07
CA VAL A 310 -7.69 21.12 -2.01
C VAL A 310 -7.80 22.66 -2.05
N MET A 311 -7.88 23.28 -0.88
CA MET A 311 -7.98 24.74 -0.81
C MET A 311 -6.74 25.42 -1.39
N ARG A 312 -5.55 24.93 -1.06
CA ARG A 312 -4.29 25.48 -1.57
CA ARG A 312 -4.32 25.52 -1.56
C ARG A 312 -4.29 25.49 -3.09
N GLU A 313 -4.67 24.36 -3.68
CA GLU A 313 -4.66 24.19 -5.12
C GLU A 313 -5.74 25.01 -5.85
N LEU A 314 -6.95 25.01 -5.31
CA LEU A 314 -8.12 25.46 -6.08
C LEU A 314 -8.74 26.79 -5.64
N ALA A 315 -8.45 27.23 -4.41
CA ALA A 315 -9.07 28.48 -3.90
C ALA A 315 -8.84 29.70 -4.82
N PRO A 316 -7.62 29.89 -5.36
CA PRO A 316 -7.42 31.03 -6.27
C PRO A 316 -8.34 31.00 -7.49
N GLN A 317 -8.51 29.83 -8.10
CA GLN A 317 -9.42 29.63 -9.24
C GLN A 317 -10.85 30.06 -8.93
N PHE A 318 -11.28 29.76 -7.71
CA PHE A 318 -12.65 30.00 -7.28
C PHE A 318 -12.84 31.34 -6.61
N HIS A 319 -11.77 32.16 -6.61
CA HIS A 319 -11.72 33.46 -5.92
C HIS A 319 -12.10 33.36 -4.45
N ILE A 320 -11.58 32.33 -3.78
CA ILE A 320 -11.81 32.12 -2.36
C ILE A 320 -10.52 32.50 -1.63
N PRO A 321 -10.61 33.35 -0.58
CA PRO A 321 -9.40 33.70 0.15
C PRO A 321 -8.88 32.54 0.97
N TRP A 322 -7.59 32.26 0.85
CA TRP A 322 -6.97 31.19 1.61
C TRP A 322 -5.55 31.52 2.03
N SER A 323 -5.30 31.46 3.34
CA SER A 323 -3.94 31.56 3.88
C SER A 323 -3.50 30.19 4.39
N ILE A 324 -2.37 29.72 3.88
CA ILE A 324 -1.89 28.36 4.14
C ILE A 324 -1.50 28.11 5.59
N PRO A 325 -2.19 27.17 6.25
CA PRO A 325 -2.04 26.90 7.69
C PRO A 325 -0.91 25.91 8.02
N LEU A 326 -0.50 25.91 9.29
CA LEU A 326 0.49 24.95 9.79
C LEU A 326 -0.14 23.57 10.00
N GLU A 327 0.67 22.54 9.79
CA GLU A 327 0.20 21.16 9.92
C GLU A 327 1.22 20.30 10.67
N ALA A 328 0.71 19.31 11.40
CA ALA A 328 1.55 18.34 12.08
C ALA A 328 2.24 17.42 11.07
N GLU A 329 3.36 16.83 11.49
CA GLU A 329 4.09 15.85 10.70
C GLU A 329 3.76 14.44 11.19
N ASP A 330 3.01 14.38 12.29
CA ASP A 330 2.62 13.15 12.96
C ASP A 330 1.33 13.42 13.75
PG ANP B . -0.14 -6.34 2.48
O1G ANP B . 0.68 -5.36 3.40
O2G ANP B . -1.46 -6.73 2.96
O3G ANP B . -0.23 -5.62 0.99
PB ANP B . 1.54 -8.21 0.96
O1B ANP B . 0.92 -9.45 0.44
O2B ANP B . 1.72 -7.08 -0.01
N3B ANP B . 0.82 -7.76 2.33
PA ANP B . 4.25 -8.12 2.09
O1A ANP B . 5.32 -7.83 1.11
O2A ANP B . 3.83 -7.04 2.99
O3A ANP B . 3.00 -8.81 1.37
O5' ANP B . 4.72 -9.36 2.95
C5' ANP B . 3.90 -9.81 4.03
C4' ANP B . 4.68 -9.87 5.36
O4' ANP B . 5.79 -10.75 5.18
C3' ANP B . 5.26 -8.53 5.73
O3' ANP B . 4.32 -7.80 6.48
C2' ANP B . 6.43 -8.94 6.59
O2' ANP B . 6.00 -9.31 7.92
C1' ANP B . 6.92 -10.20 5.90
N9 ANP B . 8.02 -9.92 4.93
C8 ANP B . 7.88 -9.59 3.53
N7 ANP B . 9.25 -9.48 3.10
C5 ANP B . 10.06 -9.70 4.14
C6 ANP B . 11.40 -9.72 4.21
N6 ANP B . 12.09 -9.45 3.09
N1 ANP B . 12.03 -9.98 5.36
C2 ANP B . 11.30 -10.23 6.51
N3 ANP B . 9.90 -10.23 6.42
C4 ANP B . 9.32 -9.97 5.23
C1 I7P C . -5.42 -4.18 4.28
C2 I7P C . -6.33 -3.80 3.12
C3 I7P C . -7.21 -5.01 2.78
C4 I7P C . -8.07 -5.44 3.96
C5 I7P C . -7.22 -5.69 5.20
C6 I7P C . -6.24 -4.55 5.51
O11 I7P C . -4.54 -3.08 4.61
O12 I7P C . -7.14 -2.68 3.48
O13 I7P C . -8.06 -4.74 1.64
O14 I7P C . -8.66 -6.67 3.61
O15 I7P C . -8.08 -5.88 6.33
O16 I7P C . -5.37 -5.02 6.54
O21 I7P C . -2.38 -4.57 4.37
O22 I7P C . -7.52 -1.32 1.31
O23 I7P C . -7.93 -7.06 0.58
O24 I7P C . -10.42 -6.64 1.73
O25 I7P C . -7.46 -8.38 6.31
O26 I7P C . -4.90 -5.40 9.03
O31 I7P C . -3.11 -2.95 2.48
O32 I7P C . -5.42 -0.83 2.71
O33 I7P C . -6.18 -5.23 -0.05
O34 I7P C . -11.02 -5.61 4.03
O35 I7P C . -9.83 -7.60 6.83
O36 I7P C . -6.85 -3.84 8.37
O41 I7P C . -2.20 -2.00 4.73
O42 I7P C . -7.72 -0.20 3.65
O43 I7P C . -8.65 -4.95 -0.85
O44 I7P C . -10.72 -8.20 3.78
O45 I7P C . -7.92 -7.18 8.45
O46 I7P C . -4.42 -3.11 7.96
O55 I7P C . -9.45 -8.93 9.59
O65 I7P C . -8.03 -7.33 11.01
O75 I7P C . -10.06 -6.39 9.66
PA1 I7P C . -3.00 -3.09 4.08
PA2 I7P C . -6.99 -1.19 2.83
PA3 I7P C . -7.76 -5.48 0.24
PA4 I7P C . -10.26 -6.85 3.33
PA5 I7P C . -8.37 -7.38 6.91
PA6 I7P C . -5.34 -4.28 7.96
PB5 I7P C . -8.95 -7.39 9.68
MG MG D . 0.95 -5.16 -0.26
MG MG E . 2.58 -5.57 3.31
MG MG F . -18.51 21.75 3.25
MG MG G . -10.68 -9.15 5.64
MG MG H . -4.94 -1.71 -1.88
#